data_5XOH
#
_entry.id   5XOH
#
_cell.length_a   59.436
_cell.length_b   59.436
_cell.length_c   172.500
_cell.angle_alpha   90.00
_cell.angle_beta   90.00
_cell.angle_gamma   120.00
#
_symmetry.space_group_name_H-M   'P 31 2 1'
#
loop_
_entity.id
_entity.type
_entity.pdbx_description
1 polymer 'Bergaptol O-methyltransferase'
2 non-polymer S-ADENOSYL-L-HOMOCYSTEINE
3 non-polymer 4-oxidanylfuro[3,2-g]chromen-7-one
4 water water
#
_entity_poly.entity_id   1
_entity_poly.type   'polypeptide(L)'
_entity_poly.pdbx_seq_one_letter_code
;MAGMKTSPSQDEEACVLAIQLATSTVLPMILKSAIELDILNTISKAGPGNYLSPSDLASKLLMSNPHAPIMLERILRVLA
TYKVLGCKPSELSDGEVEWLYCWTPVCKFLSNNEDGASIAPLLLVHQDQVPMKSWYHLTDAILDGGTAFNKAYGMNIFDY
ASQDPQFNKVFNRSMAGHSTITMKKILETYNGFEGLKSIVDVGGGSGATLNMIISKYPTIKGINFDLPHVVGDSPIHPGV
EHVGGDMFASVPKGDAIFLKWIFHSWSDEDCLRILKNCYEALADNKKVIVAEFIIPEVPGGSDDATKSVVHLDAVMLAYV
PGGKERTEKEFEALATSAGFKSFRKVCCAFNTWIMEFSK
;
_entity_poly.pdbx_strand_id   A
#
loop_
_chem_comp.id
_chem_comp.type
_chem_comp.name
_chem_comp.formula
8B6 non-polymer 4-oxidanylfuro[3,2-g]chromen-7-one 'C11 H6 O4'
#
# COMPACT_ATOMS: atom_id res chain seq x y z
N PRO A 8 15.93 36.28 13.08
CA PRO A 8 15.92 36.02 11.63
C PRO A 8 16.06 34.52 11.31
N SER A 9 16.48 33.73 12.30
CA SER A 9 16.68 32.29 12.15
C SER A 9 15.38 31.50 12.14
N GLN A 10 14.38 31.95 12.89
CA GLN A 10 13.07 31.28 12.84
C GLN A 10 12.40 31.52 11.49
N ASP A 11 12.48 32.74 10.98
CA ASP A 11 11.87 33.05 9.72
C ASP A 11 12.49 32.26 8.61
N GLU A 12 13.79 32.06 8.68
CA GLU A 12 14.45 31.32 7.61
C GLU A 12 14.09 29.84 7.65
N GLU A 13 13.96 29.26 8.84
CA GLU A 13 13.54 27.87 8.92
C GLU A 13 12.12 27.70 8.40
N ALA A 14 11.25 28.67 8.70
CA ALA A 14 9.86 28.53 8.29
C ALA A 14 9.71 28.73 6.79
N CYS A 15 10.37 29.73 6.24
CA CYS A 15 10.21 30.02 4.82
C CYS A 15 10.79 28.90 3.95
N VAL A 16 11.94 28.34 4.34
CA VAL A 16 12.52 27.28 3.52
C VAL A 16 11.76 25.98 3.68
N LEU A 17 11.10 25.77 4.82
CA LEU A 17 10.13 24.69 4.87
C LEU A 17 8.97 24.94 3.90
N ALA A 18 8.43 26.16 3.88
CA ALA A 18 7.35 26.47 2.94
C ALA A 18 7.76 26.18 1.50
N ILE A 19 8.95 26.66 1.09
CA ILE A 19 9.46 26.43 -0.26
C ILE A 19 9.61 24.94 -0.53
N GLN A 20 10.16 24.21 0.45
CA GLN A 20 10.30 22.76 0.34
C GLN A 20 8.95 22.10 0.11
N LEU A 21 7.93 22.48 0.89
CA LEU A 21 6.61 21.87 0.73
C LEU A 21 5.97 22.25 -0.60
N ALA A 22 6.23 23.46 -1.08
CA ALA A 22 5.65 23.93 -2.34
C ALA A 22 6.22 23.22 -3.55
N THR A 23 7.36 22.60 -3.42
CA THR A 23 7.95 21.88 -4.53
C THR A 23 8.05 20.39 -4.22
N SER A 24 7.17 19.89 -3.40
CA SER A 24 7.27 18.51 -2.92
C SER A 24 6.60 17.49 -3.83
N THR A 25 6.05 17.88 -4.98
CA THR A 25 5.61 16.87 -5.94
C THR A 25 6.80 16.11 -6.52
N VAL A 26 8.00 16.69 -6.42
CA VAL A 26 9.24 16.11 -6.94
C VAL A 26 9.44 14.68 -6.43
N LEU A 27 9.32 14.51 -5.11
CA LEU A 27 9.61 13.22 -4.48
C LEU A 27 8.82 12.07 -5.11
N PRO A 28 7.48 12.05 -5.07
CA PRO A 28 6.77 10.92 -5.69
C PRO A 28 7.10 10.75 -7.16
N MET A 29 7.28 11.86 -7.89
CA MET A 29 7.52 11.77 -9.33
C MET A 29 8.93 11.30 -9.65
N ILE A 30 9.93 11.73 -8.89
CA ILE A 30 11.29 11.21 -9.11
C ILE A 30 11.37 9.74 -8.69
N LEU A 31 10.69 9.38 -7.59
CA LEU A 31 10.64 7.97 -7.19
C LEU A 31 9.99 7.12 -8.27
N LYS A 32 8.87 7.58 -8.83
CA LYS A 32 8.22 6.84 -9.91
C LYS A 32 9.19 6.56 -11.05
N SER A 33 9.98 7.57 -11.44
CA SER A 33 10.92 7.39 -12.54
C SER A 33 12.07 6.44 -12.18
N ALA A 34 12.54 6.48 -10.94
CA ALA A 34 13.63 5.57 -10.54
C ALA A 34 13.16 4.13 -10.56
N ILE A 35 11.92 3.90 -10.14
CA ILE A 35 11.34 2.57 -10.22
C ILE A 35 11.18 2.16 -11.68
N GLU A 36 10.63 3.05 -12.51
CA GLU A 36 10.41 2.71 -13.91
C GLU A 36 11.71 2.50 -14.67
N LEU A 37 12.78 3.18 -14.26
CA LEU A 37 14.09 2.98 -14.90
C LEU A 37 14.86 1.80 -14.30
N ASP A 38 14.29 1.08 -13.34
CA ASP A 38 14.93 -0.07 -12.69
C ASP A 38 16.17 0.33 -11.90
N ILE A 39 16.26 1.57 -11.46
CA ILE A 39 17.40 1.99 -10.64
C ILE A 39 17.42 1.23 -9.32
N LEU A 40 16.25 1.06 -8.70
CA LEU A 40 16.22 0.49 -7.36
C LEU A 40 16.48 -1.02 -7.39
N ASN A 41 15.93 -1.74 -8.37
CA ASN A 41 16.25 -3.16 -8.52
C ASN A 41 17.73 -3.35 -8.84
N THR A 42 18.27 -2.51 -9.72
CA THR A 42 19.69 -2.60 -10.04
C THR A 42 20.55 -2.41 -8.80
N ILE A 43 20.22 -1.41 -7.98
CA ILE A 43 20.98 -1.19 -6.76
C ILE A 43 20.77 -2.35 -5.78
N SER A 44 19.54 -2.88 -5.73
CA SER A 44 19.30 -4.06 -4.91
C SER A 44 20.13 -5.25 -5.41
N LYS A 45 20.22 -5.41 -6.73
CA LYS A 45 21.12 -6.41 -7.28
C LYS A 45 22.56 -6.19 -6.80
N ALA A 46 23.02 -4.94 -6.75
CA ALA A 46 24.38 -4.72 -6.27
C ALA A 46 24.48 -5.05 -4.79
N GLY A 47 23.48 -4.65 -4.00
CA GLY A 47 23.41 -5.05 -2.61
C GLY A 47 24.16 -4.13 -1.68
N PRO A 48 24.08 -4.44 -0.39
CA PRO A 48 24.66 -3.55 0.63
C PRO A 48 26.14 -3.25 0.39
N GLY A 49 26.52 -2.00 0.65
CA GLY A 49 27.90 -1.62 0.64
C GLY A 49 28.55 -1.69 -0.73
N ASN A 50 27.76 -1.84 -1.78
CA ASN A 50 28.28 -1.92 -3.15
C ASN A 50 27.92 -0.63 -3.87
N TYR A 51 28.84 0.32 -3.82
CA TYR A 51 28.58 1.69 -4.27
C TYR A 51 28.70 1.80 -5.78
N LEU A 52 27.78 2.56 -6.39
CA LEU A 52 27.76 2.75 -7.83
C LEU A 52 27.79 4.23 -8.16
N SER A 53 28.64 4.62 -9.07
CA SER A 53 28.56 5.95 -9.62
C SER A 53 27.39 6.05 -10.59
N PRO A 54 26.97 7.27 -10.91
CA PRO A 54 25.92 7.42 -11.94
C PRO A 54 26.27 6.76 -13.27
N SER A 55 27.55 6.76 -13.65
CA SER A 55 27.99 6.10 -14.87
C SER A 55 27.90 4.58 -14.77
N ASP A 56 28.35 4.01 -13.63
CA ASP A 56 28.19 2.57 -13.46
C ASP A 56 26.75 2.15 -13.67
N LEU A 57 25.82 2.95 -13.13
CA LEU A 57 24.40 2.59 -13.15
C LEU A 57 23.83 2.66 -14.56
N ALA A 58 24.18 3.68 -15.33
CA ALA A 58 23.78 3.74 -16.74
C ALA A 58 24.36 2.56 -17.51
N SER A 59 25.60 2.17 -17.20
CA SER A 59 26.20 1.04 -17.88
C SER A 59 25.49 -0.26 -17.52
N LYS A 60 25.23 -0.48 -16.24
CA LYS A 60 24.58 -1.73 -15.84
C LYS A 60 23.18 -1.80 -16.40
N LEU A 61 22.60 -0.65 -16.74
CA LEU A 61 21.26 -0.59 -17.28
C LEU A 61 21.27 -0.56 -18.79
N LEU A 62 22.43 -0.51 -19.38
CA LEU A 62 22.53 -0.51 -20.82
C LEU A 62 21.76 0.61 -21.48
N MET A 63 21.77 1.77 -20.88
CA MET A 63 21.09 2.93 -21.44
C MET A 63 21.87 3.45 -22.65
N SER A 64 21.16 4.01 -23.62
CA SER A 64 21.84 4.51 -24.81
C SER A 64 22.00 6.02 -24.83
N ASN A 65 21.32 6.74 -23.96
CA ASN A 65 21.32 8.19 -23.94
C ASN A 65 22.66 8.70 -23.41
N PRO A 66 23.48 9.34 -24.23
CA PRO A 66 24.76 9.85 -23.73
C PRO A 66 24.66 10.80 -22.55
N HIS A 67 23.51 11.43 -22.31
CA HIS A 67 23.35 12.30 -21.14
C HIS A 67 22.67 11.57 -19.98
N ALA A 68 22.38 10.27 -20.10
CA ALA A 68 21.74 9.56 -19.00
C ALA A 68 22.55 9.58 -17.70
N PRO A 69 23.89 9.44 -17.71
CA PRO A 69 24.64 9.51 -16.43
C PRO A 69 24.37 10.77 -15.62
N ILE A 70 24.41 11.96 -16.23
CA ILE A 70 24.16 13.17 -15.47
C ILE A 70 22.72 13.21 -15.01
N MET A 71 21.80 12.72 -15.83
CA MET A 71 20.39 12.71 -15.43
C MET A 71 20.17 11.78 -14.24
N LEU A 72 20.75 10.57 -14.30
CA LEU A 72 20.66 9.64 -13.18
C LEU A 72 21.26 10.23 -11.92
N GLU A 73 22.41 10.90 -12.04
CA GLU A 73 23.05 11.51 -10.89
C GLU A 73 22.08 12.40 -10.12
N ARG A 74 21.34 13.23 -10.85
CA ARG A 74 20.42 14.15 -10.21
C ARG A 74 19.25 13.42 -9.57
N ILE A 75 18.82 12.32 -10.17
CA ILE A 75 17.80 11.47 -9.55
C ILE A 75 18.37 10.79 -8.30
N LEU A 76 19.59 10.24 -8.41
CA LEU A 76 20.20 9.60 -7.25
C LEU A 76 20.28 10.56 -6.07
N ARG A 77 20.60 11.81 -6.34
CA ARG A 77 20.74 12.81 -5.29
C ARG A 77 19.41 13.05 -4.58
N VAL A 78 18.31 13.06 -5.34
CA VAL A 78 16.99 13.16 -4.72
C VAL A 78 16.76 11.99 -3.77
N LEU A 79 16.99 10.76 -4.27
CA LEU A 79 16.75 9.55 -3.47
C LEU A 79 17.61 9.54 -2.21
N ALA A 80 18.86 10.01 -2.29
CA ALA A 80 19.72 10.05 -1.11
C ALA A 80 19.17 11.02 -0.07
N THR A 81 18.67 12.18 -0.50
CA THR A 81 18.12 13.16 0.44
C THR A 81 16.93 12.57 1.20
N TYR A 82 16.13 11.74 0.54
CA TYR A 82 14.99 11.11 1.19
C TYR A 82 15.33 9.77 1.81
N LYS A 83 16.62 9.45 1.90
CA LYS A 83 17.15 8.28 2.60
C LYS A 83 16.79 6.95 1.91
N VAL A 84 16.40 6.99 0.63
CA VAL A 84 16.22 5.74 -0.09
C VAL A 84 17.57 5.12 -0.41
N LEU A 85 18.60 5.95 -0.57
CA LEU A 85 19.94 5.51 -0.88
C LEU A 85 20.93 6.20 0.05
N GLY A 86 22.03 5.49 0.38
CA GLY A 86 23.18 6.14 0.97
C GLY A 86 24.16 6.59 -0.09
N CYS A 87 25.21 7.29 0.33
CA CYS A 87 26.20 7.75 -0.62
C CYS A 87 27.53 8.04 0.07
N LYS A 88 28.61 7.92 -0.70
CA LYS A 88 29.97 8.13 -0.24
C LYS A 88 30.79 8.76 -1.36
N PRO A 89 31.79 9.57 -1.02
CA PRO A 89 32.63 10.20 -2.05
C PRO A 89 33.73 9.29 -2.56
N SER A 90 34.14 9.57 -3.80
CA SER A 90 35.25 8.91 -4.47
C SER A 90 36.07 10.00 -5.15
N GLU A 91 37.37 10.04 -4.89
CA GLU A 91 38.20 11.12 -5.42
C GLU A 91 38.55 10.87 -6.88
N LEU A 92 38.42 11.90 -7.70
CA LEU A 92 38.83 11.82 -9.10
C LEU A 92 40.30 12.19 -9.22
N SER A 93 40.84 12.03 -10.43
CA SER A 93 42.28 12.20 -10.61
C SER A 93 42.70 13.66 -10.41
N ASP A 94 41.86 14.59 -10.83
CA ASP A 94 42.19 16.02 -10.80
C ASP A 94 41.80 16.69 -9.48
N GLY A 95 41.45 15.92 -8.46
CA GLY A 95 41.10 16.46 -7.17
C GLY A 95 39.61 16.59 -6.90
N GLU A 96 38.77 16.52 -7.93
CA GLU A 96 37.33 16.61 -7.75
C GLU A 96 36.79 15.29 -7.19
N VAL A 97 35.54 15.33 -6.72
CA VAL A 97 34.94 14.20 -6.04
C VAL A 97 33.74 13.71 -6.83
N GLU A 98 33.70 12.40 -7.05
CA GLU A 98 32.53 11.71 -7.57
C GLU A 98 31.73 11.16 -6.39
N TRP A 99 30.42 11.20 -6.49
CA TRP A 99 29.56 10.70 -5.42
C TRP A 99 28.97 9.37 -5.85
N LEU A 100 29.21 8.34 -5.04
CA LEU A 100 28.67 7.01 -5.30
C LEU A 100 27.49 6.73 -4.37
N TYR A 101 26.54 5.95 -4.88
CA TYR A 101 25.29 5.70 -4.18
C TYR A 101 25.15 4.21 -3.94
N CYS A 102 24.41 3.86 -2.88
CA CYS A 102 24.37 2.47 -2.44
C CYS A 102 23.01 2.15 -1.85
N TRP A 103 22.78 0.84 -1.70
CA TRP A 103 21.57 0.26 -1.17
C TRP A 103 21.33 0.69 0.28
N THR A 104 20.05 0.73 0.67
CA THR A 104 19.63 0.82 2.07
C THR A 104 18.45 -0.13 2.24
N PRO A 105 18.12 -0.50 3.49
CA PRO A 105 16.92 -1.33 3.70
C PRO A 105 15.66 -0.72 3.12
N VAL A 106 15.56 0.62 3.10
CA VAL A 106 14.42 1.27 2.45
C VAL A 106 14.38 0.88 0.98
N CYS A 107 15.53 0.97 0.31
CA CYS A 107 15.65 0.56 -1.09
C CYS A 107 15.14 -0.87 -1.29
N LYS A 108 15.34 -1.74 -0.29
CA LYS A 108 14.83 -3.10 -0.38
C LYS A 108 13.31 -3.12 -0.50
N PHE A 109 12.61 -2.35 0.33
CA PHE A 109 11.15 -2.38 0.28
C PHE A 109 10.60 -1.73 -0.99
N LEU A 110 11.39 -0.88 -1.65
CA LEU A 110 10.96 -0.26 -2.89
C LEU A 110 11.50 -0.97 -4.12
N SER A 111 12.11 -2.14 -3.96
CA SER A 111 12.57 -2.96 -5.07
C SER A 111 11.63 -4.13 -5.27
N ASN A 112 11.53 -4.59 -6.52
CA ASN A 112 10.62 -5.65 -6.93
C ASN A 112 11.27 -6.99 -6.64
N ASN A 113 11.27 -7.38 -5.37
CA ASN A 113 11.88 -8.64 -4.95
C ASN A 113 11.22 -9.82 -5.66
N GLU A 114 12.04 -10.73 -6.18
CA GLU A 114 11.55 -11.85 -6.98
C GLU A 114 10.38 -12.56 -6.33
N ASP A 115 10.28 -12.48 -5.00
CA ASP A 115 9.15 -12.97 -4.23
C ASP A 115 7.88 -12.17 -4.49
N GLY A 116 7.96 -11.11 -5.29
CA GLY A 116 6.82 -10.27 -5.60
C GLY A 116 6.45 -9.29 -4.51
N ALA A 117 7.19 -9.29 -3.42
CA ALA A 117 6.91 -8.38 -2.34
C ALA A 117 7.65 -7.07 -2.56
N SER A 118 6.89 -5.99 -2.65
CA SER A 118 7.45 -4.68 -2.90
C SER A 118 6.41 -3.63 -2.55
N ILE A 119 6.90 -2.48 -2.07
CA ILE A 119 6.08 -1.28 -1.88
C ILE A 119 6.08 -0.40 -3.14
N ALA A 120 6.98 -0.64 -4.07
CA ALA A 120 7.04 0.16 -5.29
C ALA A 120 5.73 0.17 -6.10
N PRO A 121 4.98 -0.94 -6.24
CA PRO A 121 3.70 -0.85 -6.98
C PRO A 121 2.70 0.08 -6.31
N LEU A 122 2.80 0.25 -4.99
CA LEU A 122 1.92 1.18 -4.29
C LEU A 122 2.18 2.60 -4.73
N LEU A 123 3.46 2.98 -4.86
CA LEU A 123 3.80 4.26 -5.46
C LEU A 123 3.26 4.38 -6.88
N LEU A 124 3.30 3.29 -7.65
CA LEU A 124 2.88 3.42 -9.03
C LEU A 124 1.36 3.59 -9.17
N VAL A 125 0.55 2.97 -8.31
CA VAL A 125 -0.89 3.21 -8.45
C VAL A 125 -1.22 4.67 -8.10
N HIS A 126 -0.58 5.23 -7.06
CA HIS A 126 -0.94 6.61 -6.72
C HIS A 126 -0.40 7.62 -7.72
N GLN A 127 0.74 7.34 -8.37
CA GLN A 127 1.18 8.24 -9.42
C GLN A 127 0.51 7.97 -10.76
N ASP A 128 -0.27 6.90 -10.87
CA ASP A 128 -0.94 6.60 -12.13
C ASP A 128 -1.87 7.75 -12.51
N GLN A 129 -2.05 7.96 -13.82
CA GLN A 129 -2.79 9.12 -14.28
C GLN A 129 -4.28 9.03 -13.96
N VAL A 130 -4.81 7.83 -13.73
CA VAL A 130 -6.22 7.68 -13.38
C VAL A 130 -6.48 8.22 -11.97
N PRO A 131 -5.83 7.74 -10.90
CA PRO A 131 -6.09 8.36 -9.59
C PRO A 131 -5.58 9.78 -9.45
N MET A 132 -4.50 10.14 -10.16
CA MET A 132 -3.94 11.48 -10.01
C MET A 132 -4.96 12.56 -10.35
N LYS A 133 -5.89 12.28 -11.27
CA LYS A 133 -6.85 13.30 -11.65
C LYS A 133 -7.89 13.59 -10.55
N SER A 134 -8.06 12.69 -9.56
CA SER A 134 -9.08 12.95 -8.55
C SER A 134 -8.74 14.17 -7.71
N TRP A 135 -7.45 14.43 -7.47
CA TRP A 135 -7.06 15.58 -6.65
C TRP A 135 -7.57 16.90 -7.23
N TYR A 136 -7.66 17.00 -8.55
CA TYR A 136 -8.10 18.21 -9.23
C TYR A 136 -9.61 18.45 -9.09
N HIS A 137 -10.32 17.55 -8.41
CA HIS A 137 -11.73 17.73 -8.10
C HIS A 137 -12.00 17.69 -6.60
N LEU A 138 -10.93 17.65 -5.78
CA LEU A 138 -11.10 17.62 -4.33
C LEU A 138 -11.65 18.94 -3.80
N THR A 139 -11.09 20.07 -4.24
CA THR A 139 -11.60 21.37 -3.79
C THR A 139 -13.08 21.51 -4.15
N ASP A 140 -13.48 21.04 -5.34
CA ASP A 140 -14.90 21.05 -5.71
C ASP A 140 -15.73 20.11 -4.85
N ALA A 141 -15.17 18.96 -4.50
CA ALA A 141 -15.89 18.02 -3.65
C ALA A 141 -16.21 18.63 -2.29
N ILE A 142 -15.25 19.36 -1.71
CA ILE A 142 -15.48 20.02 -0.42
C ILE A 142 -16.55 21.11 -0.53
N LEU A 143 -16.49 21.94 -1.57
CA LEU A 143 -17.44 23.03 -1.68
C LEU A 143 -18.81 22.58 -2.18
N ASP A 144 -18.87 21.58 -3.06
CA ASP A 144 -20.13 21.19 -3.69
C ASP A 144 -20.70 19.88 -3.20
N GLY A 145 -19.99 19.13 -2.35
CA GLY A 145 -20.42 17.78 -2.03
C GLY A 145 -19.99 16.82 -3.12
N GLY A 146 -20.24 15.54 -2.88
CA GLY A 146 -19.77 14.50 -3.78
C GLY A 146 -18.38 14.02 -3.43
N THR A 147 -17.85 13.13 -4.28
CA THR A 147 -16.54 12.52 -4.08
C THR A 147 -15.62 12.88 -5.25
N ALA A 148 -14.40 13.29 -4.93
CA ALA A 148 -13.45 13.77 -5.94
C ALA A 148 -13.31 12.78 -7.10
N PHE A 149 -13.04 11.50 -6.82
CA PHE A 149 -12.87 10.52 -7.90
C PHE A 149 -14.12 10.41 -8.77
N ASN A 150 -15.29 10.21 -8.15
CA ASN A 150 -16.53 10.10 -8.93
C ASN A 150 -16.84 11.36 -9.73
N LYS A 151 -16.42 12.52 -9.23
CA LYS A 151 -16.61 13.74 -10.01
C LYS A 151 -15.67 13.76 -11.22
N ALA A 152 -14.49 13.15 -11.12
CA ALA A 152 -13.62 13.06 -12.29
C ALA A 152 -14.17 12.09 -13.33
N TYR A 153 -14.86 11.03 -12.91
CA TYR A 153 -15.13 9.91 -13.82
C TYR A 153 -16.59 9.49 -13.92
N GLY A 154 -17.47 9.93 -13.02
CA GLY A 154 -18.86 9.51 -13.08
C GLY A 154 -19.11 8.10 -12.63
N MET A 155 -18.22 7.55 -11.81
CA MET A 155 -18.30 6.16 -11.33
C MET A 155 -17.22 6.04 -10.26
N ASN A 156 -17.40 5.08 -9.35
CA ASN A 156 -16.43 4.92 -8.30
C ASN A 156 -15.18 4.20 -8.83
N ILE A 157 -14.16 4.07 -7.97
CA ILE A 157 -12.87 3.55 -8.41
C ILE A 157 -12.96 2.08 -8.76
N PHE A 158 -13.81 1.32 -8.07
CA PHE A 158 -13.93 -0.10 -8.36
C PHE A 158 -14.65 -0.33 -9.69
N ASP A 159 -15.68 0.47 -9.97
CA ASP A 159 -16.32 0.43 -11.27
C ASP A 159 -15.33 0.79 -12.38
N TYR A 160 -14.48 1.79 -12.14
CA TYR A 160 -13.48 2.13 -13.14
C TYR A 160 -12.55 0.96 -13.41
N ALA A 161 -12.07 0.30 -12.35
CA ALA A 161 -11.17 -0.84 -12.52
C ALA A 161 -11.81 -1.94 -13.37
N SER A 162 -13.11 -2.16 -13.20
CA SER A 162 -13.80 -3.20 -13.99
C SER A 162 -13.91 -2.83 -15.45
N GLN A 163 -13.73 -1.56 -15.81
CA GLN A 163 -13.83 -1.10 -17.18
C GLN A 163 -12.46 -0.80 -17.79
N ASP A 164 -11.39 -0.89 -17.02
CA ASP A 164 -10.04 -0.56 -17.52
C ASP A 164 -9.10 -1.64 -17.05
N PRO A 165 -8.78 -2.62 -17.90
CA PRO A 165 -7.98 -3.77 -17.46
C PRO A 165 -6.57 -3.38 -17.07
N GLN A 166 -6.02 -2.35 -17.72
CA GLN A 166 -4.69 -1.89 -17.37
C GLN A 166 -4.68 -1.35 -15.95
N PHE A 167 -5.60 -0.44 -15.63
CA PHE A 167 -5.69 0.09 -14.28
C PHE A 167 -6.03 -1.01 -13.27
N ASN A 168 -6.83 -2.00 -13.68
CA ASN A 168 -7.11 -3.12 -12.79
C ASN A 168 -5.81 -3.80 -12.35
N LYS A 169 -4.95 -4.14 -13.32
CA LYS A 169 -3.69 -4.80 -12.97
C LYS A 169 -2.81 -3.90 -12.12
N VAL A 170 -2.78 -2.61 -12.44
CA VAL A 170 -1.96 -1.69 -11.65
C VAL A 170 -2.46 -1.63 -10.21
N PHE A 171 -3.78 -1.53 -10.04
CA PHE A 171 -4.35 -1.48 -8.71
C PHE A 171 -4.09 -2.76 -7.93
N ASN A 172 -4.44 -3.91 -8.52
CA ASN A 172 -4.30 -5.17 -7.79
C ASN A 172 -2.84 -5.47 -7.46
N ARG A 173 -1.91 -5.10 -8.35
CA ARG A 173 -0.49 -5.35 -8.06
C ARG A 173 0.01 -4.51 -6.88
N SER A 174 -0.50 -3.29 -6.72
CA SER A 174 -0.06 -2.50 -5.57
C SER A 174 -0.56 -3.12 -4.26
N MET A 175 -1.79 -3.62 -4.23
CA MET A 175 -2.27 -4.26 -3.02
C MET A 175 -1.52 -5.57 -2.76
N ALA A 176 -1.31 -6.36 -3.80
CA ALA A 176 -0.63 -7.64 -3.62
C ALA A 176 0.80 -7.45 -3.10
N GLY A 177 1.54 -6.48 -3.67
CA GLY A 177 2.89 -6.23 -3.18
C GLY A 177 2.93 -5.86 -1.71
N HIS A 178 2.02 -4.98 -1.28
CA HIS A 178 2.00 -4.55 0.12
C HIS A 178 1.64 -5.70 1.05
N SER A 179 0.60 -6.46 0.73
CA SER A 179 0.17 -7.44 1.72
C SER A 179 1.04 -8.70 1.72
N THR A 180 1.82 -8.93 0.67
CA THR A 180 2.84 -9.98 0.77
C THR A 180 3.88 -9.62 1.81
N ILE A 181 4.38 -8.38 1.77
CA ILE A 181 5.33 -7.91 2.77
C ILE A 181 4.71 -7.93 4.16
N THR A 182 3.48 -7.40 4.29
CA THR A 182 2.90 -7.20 5.61
C THR A 182 2.51 -8.52 6.27
N MET A 183 1.85 -9.42 5.52
CA MET A 183 1.46 -10.68 6.12
C MET A 183 2.66 -11.57 6.44
N LYS A 184 3.75 -11.44 5.68
CA LYS A 184 4.97 -12.19 5.99
C LYS A 184 5.50 -11.80 7.38
N LYS A 185 5.52 -10.50 7.69
CA LYS A 185 5.95 -10.10 9.02
C LYS A 185 4.87 -10.34 10.08
N ILE A 186 3.59 -10.18 9.71
CA ILE A 186 2.51 -10.51 10.63
C ILE A 186 2.64 -11.94 11.11
N LEU A 187 2.96 -12.84 10.19
CA LEU A 187 2.90 -14.25 10.51
C LEU A 187 4.02 -14.69 11.44
N GLU A 188 5.01 -13.85 11.69
CA GLU A 188 6.01 -14.15 12.70
C GLU A 188 5.48 -13.92 14.11
N THR A 189 4.36 -13.20 14.27
CA THR A 189 3.88 -12.85 15.60
C THR A 189 2.38 -13.08 15.82
N TYR A 190 1.66 -13.69 14.88
CA TYR A 190 0.21 -13.87 15.05
C TYR A 190 -0.13 -15.35 15.19
N ASN A 191 -0.78 -15.70 16.32
CA ASN A 191 -1.30 -17.05 16.50
C ASN A 191 -2.57 -17.26 15.68
N GLY A 192 -3.41 -16.22 15.58
CA GLY A 192 -4.82 -16.31 15.27
C GLY A 192 -5.34 -17.24 14.19
N PHE A 193 -4.49 -17.69 13.26
CA PHE A 193 -4.93 -18.65 12.25
C PHE A 193 -4.64 -20.10 12.61
N GLU A 194 -3.90 -20.35 13.69
CA GLU A 194 -3.36 -21.69 13.94
C GLU A 194 -4.47 -22.74 13.98
N GLY A 195 -5.55 -22.46 14.69
CA GLY A 195 -6.51 -23.51 14.96
C GLY A 195 -7.87 -23.34 14.29
N LEU A 196 -7.89 -23.31 12.97
CA LEU A 196 -9.17 -23.14 12.28
C LEU A 196 -9.11 -23.82 10.92
N LYS A 197 -10.29 -24.21 10.42
CA LYS A 197 -10.39 -25.07 9.26
C LYS A 197 -10.30 -24.32 7.94
N SER A 198 -10.63 -23.03 7.94
CA SER A 198 -10.79 -22.29 6.69
C SER A 198 -10.91 -20.81 7.01
N ILE A 199 -10.45 -19.98 6.08
CA ILE A 199 -10.55 -18.53 6.18
C ILE A 199 -11.13 -17.98 4.89
N VAL A 200 -12.08 -17.06 5.03
CA VAL A 200 -12.55 -16.27 3.89
C VAL A 200 -11.90 -14.91 3.97
N ASP A 201 -11.06 -14.59 2.96
CA ASP A 201 -10.52 -13.25 2.78
C ASP A 201 -11.51 -12.43 1.97
N VAL A 202 -12.25 -11.55 2.65
CA VAL A 202 -13.27 -10.74 1.98
C VAL A 202 -12.60 -9.52 1.34
N GLY A 203 -12.74 -9.39 0.02
CA GLY A 203 -11.98 -8.38 -0.69
C GLY A 203 -10.50 -8.69 -0.71
N GLY A 204 -10.15 -9.98 -0.79
CA GLY A 204 -8.76 -10.42 -0.78
C GLY A 204 -7.96 -10.07 -2.02
N GLY A 205 -8.56 -9.40 -2.99
CA GLY A 205 -7.78 -8.97 -4.14
C GLY A 205 -7.27 -10.17 -4.91
N SER A 206 -5.97 -10.16 -5.22
CA SER A 206 -5.32 -11.20 -6.01
C SER A 206 -4.99 -12.46 -5.20
N GLY A 207 -5.37 -12.54 -3.92
CA GLY A 207 -5.10 -13.71 -3.12
C GLY A 207 -3.74 -13.74 -2.44
N ALA A 208 -2.95 -12.67 -2.54
CA ALA A 208 -1.59 -12.67 -1.99
C ALA A 208 -1.58 -12.97 -0.49
N THR A 209 -2.52 -12.36 0.26
CA THR A 209 -2.59 -12.55 1.71
C THR A 209 -2.85 -14.01 2.06
N LEU A 210 -3.78 -14.65 1.37
CA LEU A 210 -4.05 -16.06 1.63
C LEU A 210 -2.93 -16.95 1.10
N ASN A 211 -2.24 -16.49 0.09
CA ASN A 211 -1.14 -17.20 -0.44
C ASN A 211 -0.10 -17.34 0.64
N MET A 212 0.13 -16.25 1.36
CA MET A 212 1.10 -16.26 2.46
C MET A 212 0.55 -16.97 3.70
N ILE A 213 -0.76 -16.99 3.90
CA ILE A 213 -1.31 -17.68 5.07
C ILE A 213 -1.27 -19.19 4.86
N ILE A 214 -1.66 -19.67 3.67
CA ILE A 214 -1.73 -21.11 3.46
C ILE A 214 -0.33 -21.72 3.32
N SER A 215 0.62 -20.96 2.76
CA SER A 215 1.97 -21.50 2.63
C SER A 215 2.61 -21.76 3.99
N LYS A 216 2.19 -21.05 5.03
CA LYS A 216 2.68 -21.33 6.38
C LYS A 216 1.82 -22.36 7.09
N TYR A 217 0.51 -22.32 6.85
CA TYR A 217 -0.45 -23.25 7.44
C TYR A 217 -1.15 -23.98 6.30
N PRO A 218 -0.48 -24.94 5.66
CA PRO A 218 -1.19 -25.78 4.68
C PRO A 218 -2.33 -26.49 5.41
N THR A 219 -3.15 -27.26 4.70
CA THR A 219 -4.27 -27.96 5.34
C THR A 219 -5.41 -27.01 5.61
N ILE A 220 -5.10 -25.73 5.85
CA ILE A 220 -6.13 -24.71 6.02
C ILE A 220 -6.68 -24.35 4.64
N LYS A 221 -8.00 -24.27 4.52
CA LYS A 221 -8.65 -23.97 3.25
C LYS A 221 -8.85 -22.46 3.10
N GLY A 222 -8.28 -21.89 2.05
CA GLY A 222 -8.40 -20.47 1.80
C GLY A 222 -9.45 -20.16 0.75
N ILE A 223 -10.26 -19.15 1.03
CA ILE A 223 -11.31 -18.71 0.12
C ILE A 223 -11.05 -17.23 -0.17
N ASN A 224 -10.47 -16.95 -1.34
CA ASN A 224 -10.18 -15.58 -1.73
C ASN A 224 -11.41 -15.00 -2.43
N PHE A 225 -12.06 -14.03 -1.79
CA PHE A 225 -13.34 -13.50 -2.22
C PHE A 225 -13.15 -12.05 -2.67
N ASP A 226 -13.51 -11.76 -3.92
CA ASP A 226 -13.42 -10.39 -4.42
C ASP A 226 -14.38 -10.24 -5.59
N LEU A 227 -14.37 -9.07 -6.21
CA LEU A 227 -15.20 -8.80 -7.37
C LEU A 227 -14.74 -9.63 -8.58
N PRO A 228 -15.66 -9.91 -9.51
CA PRO A 228 -15.31 -10.80 -10.63
C PRO A 228 -14.14 -10.32 -11.47
N HIS A 229 -14.02 -9.01 -11.73
CA HIS A 229 -12.91 -8.56 -12.55
C HIS A 229 -11.57 -8.68 -11.84
N VAL A 230 -11.58 -8.84 -10.52
CA VAL A 230 -10.33 -9.02 -9.81
C VAL A 230 -9.93 -10.49 -9.76
N VAL A 231 -10.86 -11.37 -9.37
CA VAL A 231 -10.49 -12.78 -9.25
C VAL A 231 -10.21 -13.41 -10.62
N GLY A 232 -10.86 -12.94 -11.68
CA GLY A 232 -10.64 -13.56 -12.99
C GLY A 232 -9.30 -13.25 -13.63
N ASP A 233 -8.50 -12.36 -13.04
CA ASP A 233 -7.19 -11.96 -13.56
C ASP A 233 -6.11 -12.19 -12.52
N SER A 234 -6.25 -13.23 -11.70
CA SER A 234 -5.36 -13.49 -10.59
C SER A 234 -4.73 -14.87 -10.71
N PRO A 235 -3.51 -15.05 -10.24
CA PRO A 235 -2.91 -16.39 -10.23
C PRO A 235 -3.53 -17.24 -9.13
N ILE A 236 -3.17 -18.54 -9.17
CA ILE A 236 -3.72 -19.54 -8.25
C ILE A 236 -2.58 -20.09 -7.41
N HIS A 237 -2.77 -20.10 -6.08
CA HIS A 237 -2.03 -20.88 -5.09
C HIS A 237 -2.87 -22.07 -4.63
N PRO A 238 -2.26 -23.21 -4.41
CA PRO A 238 -3.00 -24.33 -3.84
C PRO A 238 -3.48 -23.92 -2.45
N GLY A 239 -4.55 -24.54 -1.95
CA GLY A 239 -5.13 -24.15 -0.69
C GLY A 239 -6.04 -22.94 -0.77
N VAL A 240 -5.90 -22.12 -1.81
CA VAL A 240 -6.67 -20.89 -1.98
C VAL A 240 -7.53 -21.04 -3.23
N GLU A 241 -8.85 -20.92 -3.07
CA GLU A 241 -9.80 -20.93 -4.17
C GLU A 241 -10.40 -19.54 -4.31
N HIS A 242 -10.39 -18.99 -5.53
CA HIS A 242 -10.97 -17.68 -5.78
C HIS A 242 -12.48 -17.80 -5.97
N VAL A 243 -13.23 -16.89 -5.35
CA VAL A 243 -14.67 -16.80 -5.53
C VAL A 243 -15.00 -15.37 -5.96
N GLY A 244 -15.68 -15.23 -7.10
CA GLY A 244 -16.17 -13.92 -7.51
C GLY A 244 -17.53 -13.65 -6.88
N GLY A 245 -17.73 -12.41 -6.44
CA GLY A 245 -19.01 -12.07 -5.84
C GLY A 245 -19.07 -10.63 -5.42
N ASP A 246 -20.03 -10.34 -4.53
CA ASP A 246 -20.26 -8.98 -4.03
C ASP A 246 -20.46 -9.06 -2.52
N MET A 247 -19.54 -8.49 -1.73
CA MET A 247 -19.63 -8.66 -0.29
C MET A 247 -20.91 -8.05 0.27
N PHE A 248 -21.57 -7.15 -0.46
CA PHE A 248 -22.84 -6.64 0.04
C PHE A 248 -24.01 -7.57 -0.29
N ALA A 249 -23.85 -8.46 -1.26
CA ALA A 249 -24.86 -9.47 -1.53
C ALA A 249 -24.81 -10.60 -0.51
N SER A 250 -23.63 -11.21 -0.35
CA SER A 250 -23.38 -12.21 0.67
C SER A 250 -21.88 -12.42 0.76
N VAL A 251 -21.45 -13.12 1.80
CA VAL A 251 -20.05 -13.46 2.04
C VAL A 251 -19.99 -14.96 2.19
N PRO A 252 -19.08 -15.66 1.51
CA PRO A 252 -19.02 -17.11 1.66
C PRO A 252 -18.64 -17.51 3.07
N LYS A 253 -19.20 -18.64 3.51
CA LYS A 253 -19.06 -19.08 4.89
C LYS A 253 -17.68 -19.71 5.11
N GLY A 254 -17.22 -19.66 6.35
CA GLY A 254 -15.92 -20.22 6.67
C GLY A 254 -15.70 -20.21 8.17
N ASP A 255 -14.53 -20.70 8.58
CA ASP A 255 -14.21 -20.79 10.00
C ASP A 255 -13.82 -19.44 10.59
N ALA A 256 -13.29 -18.55 9.75
CA ALA A 256 -13.06 -17.17 10.12
C ALA A 256 -13.14 -16.34 8.86
N ILE A 257 -13.46 -15.07 9.03
CA ILE A 257 -13.46 -14.10 7.94
C ILE A 257 -12.35 -13.09 8.19
N PHE A 258 -11.65 -12.73 7.14
CA PHE A 258 -10.50 -11.83 7.19
C PHE A 258 -10.79 -10.65 6.28
N LEU A 259 -10.53 -9.43 6.77
CA LEU A 259 -10.72 -8.21 5.99
C LEU A 259 -9.52 -7.31 6.22
N LYS A 260 -8.68 -7.16 5.20
CA LYS A 260 -7.52 -6.27 5.26
C LYS A 260 -7.75 -5.11 4.30
N TRP A 261 -7.72 -3.87 4.82
CA TRP A 261 -7.82 -2.68 3.99
C TRP A 261 -9.16 -2.60 3.26
N ILE A 262 -10.21 -3.12 3.88
CA ILE A 262 -11.55 -3.08 3.33
C ILE A 262 -12.28 -1.89 3.95
N PHE A 263 -12.41 -1.92 5.28
CA PHE A 263 -13.26 -0.96 6.00
C PHE A 263 -12.82 0.48 5.80
N HIS A 264 -11.54 0.73 5.67
CA HIS A 264 -11.14 2.10 5.47
C HIS A 264 -11.64 2.70 4.17
N SER A 265 -12.28 1.91 3.35
CA SER A 265 -12.79 2.35 2.08
C SER A 265 -14.30 2.59 2.07
N TRP A 266 -14.98 2.37 3.20
CA TRP A 266 -16.43 2.42 3.25
C TRP A 266 -16.88 3.23 4.46
N SER A 267 -18.00 3.94 4.28
CA SER A 267 -18.64 4.66 5.36
C SER A 267 -19.05 3.72 6.50
N ASP A 268 -19.33 4.31 7.67
CA ASP A 268 -19.80 3.54 8.83
C ASP A 268 -21.00 2.66 8.47
N GLU A 269 -21.95 3.22 7.72
CA GLU A 269 -23.17 2.47 7.41
C GLU A 269 -22.88 1.33 6.45
N ASP A 270 -21.90 1.51 5.56
CA ASP A 270 -21.52 0.42 4.67
C ASP A 270 -20.64 -0.60 5.38
N CYS A 271 -19.77 -0.17 6.30
CA CYS A 271 -19.03 -1.13 7.11
C CYS A 271 -19.99 -2.04 7.87
N LEU A 272 -21.04 -1.48 8.46
CA LEU A 272 -21.99 -2.31 9.19
C LEU A 272 -22.72 -3.27 8.25
N ARG A 273 -22.96 -2.87 7.00
CA ARG A 273 -23.58 -3.81 6.07
C ARG A 273 -22.63 -4.95 5.74
N ILE A 274 -21.34 -4.66 5.60
CA ILE A 274 -20.38 -5.73 5.39
C ILE A 274 -20.35 -6.65 6.61
N LEU A 275 -20.37 -6.06 7.81
CA LEU A 275 -20.22 -6.85 9.03
C LEU A 275 -21.42 -7.75 9.29
N LYS A 276 -22.63 -7.33 8.88
CA LYS A 276 -23.77 -8.22 9.00
C LYS A 276 -23.60 -9.45 8.11
N ASN A 277 -23.13 -9.26 6.88
CA ASN A 277 -22.92 -10.41 6.01
C ASN A 277 -21.81 -11.31 6.55
N CYS A 278 -20.79 -10.72 7.20
CA CYS A 278 -19.77 -11.53 7.86
C CYS A 278 -20.37 -12.31 9.04
N TYR A 279 -21.13 -11.61 9.89
CA TYR A 279 -21.86 -12.25 10.98
C TYR A 279 -22.64 -13.45 10.48
N GLU A 280 -23.49 -13.23 9.46
CA GLU A 280 -24.36 -14.28 8.96
C GLU A 280 -23.57 -15.47 8.43
N ALA A 281 -22.35 -15.23 7.97
CA ALA A 281 -21.57 -16.27 7.31
C ALA A 281 -20.78 -17.15 8.27
N LEU A 282 -20.73 -16.81 9.55
CA LEU A 282 -19.96 -17.57 10.52
C LEU A 282 -20.85 -18.23 11.55
N ALA A 283 -20.41 -19.38 12.06
CA ALA A 283 -21.06 -20.01 13.18
C ALA A 283 -20.83 -19.18 14.45
N ASP A 284 -21.57 -19.50 15.50
CA ASP A 284 -21.42 -18.77 16.76
C ASP A 284 -20.08 -19.11 17.41
N ASN A 285 -19.57 -18.16 18.21
CA ASN A 285 -18.25 -18.24 18.82
C ASN A 285 -17.16 -18.34 17.74
N LYS A 286 -17.13 -17.34 16.87
CA LYS A 286 -16.19 -17.31 15.76
C LYS A 286 -15.72 -15.87 15.54
N LYS A 287 -14.57 -15.75 14.91
CA LYS A 287 -13.88 -14.50 14.73
C LYS A 287 -13.98 -13.77 13.44
N VAL A 288 -13.99 -12.46 13.55
CA VAL A 288 -13.76 -11.62 12.38
C VAL A 288 -12.41 -10.95 12.59
N ILE A 289 -11.49 -11.16 11.64
CA ILE A 289 -10.11 -10.70 11.77
C ILE A 289 -9.91 -9.53 10.80
N VAL A 290 -9.59 -8.37 11.35
CA VAL A 290 -9.49 -7.12 10.61
C VAL A 290 -8.03 -6.66 10.64
N ALA A 291 -7.47 -6.31 9.48
CA ALA A 291 -6.14 -5.71 9.38
C ALA A 291 -6.27 -4.32 8.77
N GLU A 292 -5.88 -3.30 9.52
CA GLU A 292 -6.00 -1.91 9.09
C GLU A 292 -4.95 -1.07 9.79
N PHE A 293 -4.67 0.11 9.23
CA PHE A 293 -4.01 1.16 9.99
C PHE A 293 -4.99 1.71 11.04
N ILE A 294 -4.44 2.33 12.07
CA ILE A 294 -5.25 2.98 13.09
C ILE A 294 -4.75 4.41 13.26
N ILE A 295 -5.67 5.36 13.24
CA ILE A 295 -5.36 6.77 13.51
C ILE A 295 -5.06 6.94 15.00
N PRO A 296 -3.98 7.62 15.39
CA PRO A 296 -3.78 7.92 16.80
C PRO A 296 -4.76 8.99 17.30
N GLU A 297 -5.01 8.96 18.60
CA GLU A 297 -5.91 9.96 19.19
C GLU A 297 -5.33 11.38 19.07
N VAL A 298 -4.01 11.54 19.06
CA VAL A 298 -3.38 12.85 19.02
C VAL A 298 -2.82 13.07 17.61
N PRO A 299 -3.22 14.13 16.90
CA PRO A 299 -3.03 14.17 15.44
C PRO A 299 -1.75 14.81 14.89
N GLY A 300 -0.94 15.50 15.69
CA GLY A 300 0.16 16.24 15.08
C GLY A 300 1.53 15.58 14.99
N GLY A 301 1.60 14.25 14.99
CA GLY A 301 2.90 13.58 14.95
C GLY A 301 3.52 13.62 13.56
N SER A 302 4.85 13.70 13.52
CA SER A 302 5.56 13.85 12.26
C SER A 302 6.41 12.63 11.90
N ASP A 303 6.34 11.55 12.68
CA ASP A 303 7.08 10.35 12.32
C ASP A 303 6.46 9.68 11.10
N ASP A 304 7.12 8.63 10.61
CA ASP A 304 6.72 8.00 9.35
C ASP A 304 5.46 7.17 9.49
N ALA A 305 5.18 6.67 10.69
CA ALA A 305 3.98 5.88 10.90
C ALA A 305 2.73 6.76 10.84
N THR A 306 2.80 7.94 11.47
CA THR A 306 1.68 8.88 11.42
C THR A 306 1.51 9.45 10.02
N LYS A 307 2.61 9.81 9.35
CA LYS A 307 2.51 10.26 7.95
C LYS A 307 1.81 9.23 7.09
N SER A 308 2.16 7.95 7.25
CA SER A 308 1.55 6.89 6.45
C SER A 308 0.04 6.83 6.63
N VAL A 309 -0.42 6.79 7.89
CA VAL A 309 -1.88 6.67 8.07
C VAL A 309 -2.57 7.98 7.68
N VAL A 310 -1.90 9.12 7.89
CA VAL A 310 -2.47 10.38 7.47
C VAL A 310 -2.54 10.46 5.93
N HIS A 311 -1.51 9.97 5.24
CA HIS A 311 -1.54 9.92 3.77
C HIS A 311 -2.72 9.08 3.31
N LEU A 312 -2.91 7.94 3.95
CA LEU A 312 -3.97 7.04 3.59
C LEU A 312 -5.32 7.66 3.81
N ASP A 313 -5.47 8.43 4.85
CA ASP A 313 -6.78 9.03 5.09
C ASP A 313 -7.12 10.06 4.03
N ALA A 314 -6.12 10.77 3.50
CA ALA A 314 -6.36 11.71 2.42
C ALA A 314 -6.61 10.99 1.12
N VAL A 315 -5.88 9.90 0.88
CA VAL A 315 -6.15 9.06 -0.28
C VAL A 315 -7.62 8.59 -0.25
N MET A 316 -8.07 8.07 0.90
CA MET A 316 -9.47 7.65 1.00
C MET A 316 -10.42 8.80 0.70
N LEU A 317 -10.11 10.01 1.20
CA LEU A 317 -10.97 11.18 1.00
C LEU A 317 -11.17 11.49 -0.49
N ALA A 318 -10.13 11.40 -1.30
CA ALA A 318 -10.28 11.72 -2.71
C ALA A 318 -10.76 10.55 -3.55
N TYR A 319 -10.47 9.31 -3.13
CA TYR A 319 -10.66 8.17 -4.02
C TYR A 319 -12.02 7.51 -3.91
N VAL A 320 -12.60 7.45 -2.71
CA VAL A 320 -13.77 6.60 -2.45
C VAL A 320 -14.77 7.35 -1.57
N PRO A 321 -16.07 7.29 -1.88
CA PRO A 321 -17.06 7.95 -1.02
C PRO A 321 -17.07 7.33 0.36
N GLY A 322 -17.02 8.17 1.39
CA GLY A 322 -17.14 7.68 2.76
C GLY A 322 -15.92 7.00 3.33
N GLY A 323 -14.90 6.68 2.52
CA GLY A 323 -13.72 6.06 3.07
C GLY A 323 -12.98 6.95 4.05
N LYS A 324 -12.33 6.33 5.03
CA LYS A 324 -11.62 7.07 6.08
C LYS A 324 -10.83 6.09 6.93
N GLU A 325 -9.68 6.54 7.41
CA GLU A 325 -8.97 5.83 8.46
C GLU A 325 -9.67 6.08 9.79
N ARG A 326 -9.48 5.17 10.74
CA ARG A 326 -10.27 5.20 11.96
C ARG A 326 -9.36 5.02 13.16
N THR A 327 -9.86 5.48 14.31
CA THR A 327 -9.23 5.22 15.59
C THR A 327 -9.63 3.84 16.11
N GLU A 328 -8.86 3.35 17.08
CA GLU A 328 -9.20 2.07 17.70
C GLU A 328 -10.60 2.12 18.31
N LYS A 329 -10.93 3.24 18.98
CA LYS A 329 -12.26 3.34 19.54
C LYS A 329 -13.33 3.32 18.46
N GLU A 330 -13.02 3.84 17.26
CA GLU A 330 -13.99 3.81 16.17
C GLU A 330 -14.18 2.40 15.63
N PHE A 331 -13.11 1.61 15.59
CA PHE A 331 -13.24 0.21 15.20
C PHE A 331 -14.03 -0.58 16.25
N GLU A 332 -13.71 -0.35 17.53
CA GLU A 332 -14.45 -1.01 18.61
C GLU A 332 -15.95 -0.73 18.49
N ALA A 333 -16.32 0.50 18.11
CA ALA A 333 -17.73 0.86 17.99
C ALA A 333 -18.40 0.10 16.85
N LEU A 334 -17.73 -0.06 15.72
CA LEU A 334 -18.31 -0.77 14.59
C LEU A 334 -18.61 -2.21 14.96
N ALA A 335 -17.62 -2.89 15.53
CA ALA A 335 -17.81 -4.25 16.02
C ALA A 335 -18.98 -4.31 17.00
N THR A 336 -19.05 -3.33 17.91
CA THR A 336 -20.12 -3.31 18.88
C THR A 336 -21.48 -3.15 18.19
N SER A 337 -21.59 -2.17 17.29
CA SER A 337 -22.85 -1.97 16.59
C SER A 337 -23.24 -3.15 15.72
N ALA A 338 -22.29 -3.99 15.36
CA ALA A 338 -22.56 -5.13 14.52
C ALA A 338 -22.89 -6.37 15.31
N GLY A 339 -23.16 -6.19 16.58
CA GLY A 339 -23.52 -7.30 17.41
C GLY A 339 -22.38 -8.12 17.90
N PHE A 340 -21.15 -7.75 17.59
CA PHE A 340 -20.02 -8.53 18.07
C PHE A 340 -19.85 -8.31 19.56
N LYS A 341 -19.30 -9.28 20.27
CA LYS A 341 -19.26 -9.15 21.71
C LYS A 341 -17.85 -8.97 22.27
N SER A 342 -16.81 -9.24 21.48
CA SER A 342 -15.44 -9.10 21.97
C SER A 342 -14.61 -8.39 20.91
N PHE A 343 -14.00 -7.28 21.30
CA PHE A 343 -13.07 -6.53 20.46
C PHE A 343 -11.69 -6.57 21.10
N ARG A 344 -10.71 -6.86 20.28
CA ARG A 344 -9.36 -7.01 20.74
C ARG A 344 -8.31 -6.60 19.71
N LYS A 345 -7.48 -5.63 20.05
CA LYS A 345 -6.40 -5.21 19.22
C LYS A 345 -5.28 -6.15 19.56
N VAL A 346 -4.81 -6.90 18.60
CA VAL A 346 -3.80 -7.92 18.87
C VAL A 346 -2.34 -7.56 18.70
N CYS A 347 -1.92 -7.25 17.49
CA CYS A 347 -0.52 -6.91 17.20
C CYS A 347 -0.45 -5.96 16.01
N CYS A 348 0.76 -5.48 15.73
CA CYS A 348 1.03 -4.53 14.66
C CYS A 348 2.24 -4.96 13.85
N ALA A 349 2.18 -4.75 12.53
CA ALA A 349 3.27 -5.06 11.61
C ALA A 349 3.32 -4.01 10.52
N PHE A 350 4.44 -3.31 10.44
CA PHE A 350 4.64 -2.31 9.38
C PHE A 350 3.44 -1.36 9.31
N ASN A 351 2.97 -0.95 10.49
CA ASN A 351 1.86 -0.05 10.77
C ASN A 351 0.49 -0.69 10.58
N THR A 352 0.38 -1.98 10.19
CA THR A 352 -0.91 -2.63 10.04
C THR A 352 -1.26 -3.37 11.33
N TRP A 353 -2.35 -2.98 11.96
CA TRP A 353 -2.84 -3.66 13.17
C TRP A 353 -3.76 -4.80 12.81
N ILE A 354 -3.68 -5.88 13.59
CA ILE A 354 -4.69 -6.93 13.55
C ILE A 354 -5.65 -6.71 14.72
N MET A 355 -6.93 -6.62 14.40
CA MET A 355 -7.96 -6.39 15.38
C MET A 355 -8.97 -7.52 15.36
N SAH B . -7.18 -7.24 0.98
CA SAH B . -6.56 -6.59 -0.13
CB SAH B . -7.10 -5.18 -0.22
CG SAH B . -7.50 -4.86 -1.63
SD SAH B . -8.10 -3.24 -1.68
C SAH B . -5.12 -6.48 0.16
O SAH B . -4.81 -5.98 1.22
OXT SAH B . -4.32 -6.89 -0.68
C5' SAH B . -9.82 -3.45 -1.54
C4' SAH B . -10.39 -4.65 -2.26
O4' SAH B . -11.75 -4.77 -1.99
C3' SAH B . -10.31 -4.56 -3.76
O3' SAH B . -9.65 -5.72 -4.21
C2' SAH B . -11.75 -4.53 -4.20
O2' SAH B . -11.87 -5.00 -5.53
C1' SAH B . -12.30 -5.41 -3.11
N9 SAH B . -13.75 -5.70 -3.06
C8 SAH B . -14.30 -6.90 -2.77
N7 SAH B . -15.63 -6.91 -2.82
C5 SAH B . -15.96 -5.68 -3.15
C6 SAH B . -17.20 -4.97 -3.38
N6 SAH B . -18.40 -5.53 -3.27
N1 SAH B . -17.09 -3.68 -3.71
C2 SAH B . -15.92 -3.07 -3.82
N3 SAH B . -14.77 -3.64 -3.64
C4 SAH B . -14.73 -4.91 -3.31
C4 8B6 C . -3.83 1.53 0.33
C5 8B6 C . -3.57 2.59 -0.53
CA 8B6 C . -9.95 2.04 -3.23
O 8B6 C . -2.31 3.22 -0.48
CB 8B6 C . -9.65 1.11 -2.22
CG 8B6 C . -8.28 1.41 -1.81
CD1 8B6 C . -7.38 0.87 -0.85
CD2 8B6 C . -7.90 2.47 -2.60
CE1 8B6 C . -6.06 1.44 -0.71
CE2 8B6 C . -6.60 3.03 -2.46
CZ 8B6 C . -5.68 2.50 -1.50
OH 8B6 C . -4.45 3.03 -1.39
C3 8B6 C . -5.12 0.90 0.26
O1 8B6 C . -7.76 -0.20 -0.04
O4 8B6 C . -8.90 2.81 -3.42
#